data_2LRX
#
_entry.id   2LRX
#
_entity_poly.entity_id   1
_entity_poly.type   'polypeptide(L)'
_entity_poly.pdbx_seq_one_letter_code
;RQPRPAKYKFTDVNGETKTWTGQGRTPKPIAQALAEGKSLDDFLI
;
_entity_poly.pdbx_strand_id   A
#
# COMPACT_ATOMS: atom_id res chain seq x y z
N ARG A 1 3.03 7.24 8.87
CA ARG A 1 4.00 6.14 9.09
C ARG A 1 3.30 4.88 9.59
N GLN A 2 2.79 4.93 10.82
CA GLN A 2 2.09 3.79 11.40
C GLN A 2 0.70 4.19 11.86
N PRO A 3 -0.26 4.28 10.91
CA PRO A 3 -1.64 4.61 11.19
C PRO A 3 -2.44 3.34 11.45
N ARG A 4 -3.61 3.45 12.09
CA ARG A 4 -4.41 2.26 12.33
C ARG A 4 -4.50 1.46 11.03
N PRO A 5 -3.71 0.39 10.92
CA PRO A 5 -3.68 -0.44 9.71
C PRO A 5 -4.71 -1.55 9.73
N ALA A 6 -5.59 -1.56 8.73
CA ALA A 6 -6.63 -2.56 8.63
C ALA A 6 -6.28 -3.61 7.56
N LYS A 7 -7.29 -4.29 7.03
CA LYS A 7 -7.07 -5.30 6.00
C LYS A 7 -7.35 -4.72 4.62
N TYR A 8 -6.41 -4.93 3.72
CA TYR A 8 -6.53 -4.44 2.34
C TYR A 8 -5.80 -5.38 1.39
N LYS A 9 -5.98 -5.17 0.11
CA LYS A 9 -5.34 -6.02 -0.89
C LYS A 9 -4.37 -5.19 -1.74
N PHE A 10 -3.12 -5.65 -1.78
CA PHE A 10 -2.07 -4.98 -2.53
C PHE A 10 -0.91 -5.95 -2.75
N THR A 11 0.08 -5.53 -3.53
CA THR A 11 1.25 -6.36 -3.80
C THR A 11 2.53 -5.69 -3.29
N ASP A 12 3.16 -6.30 -2.29
CA ASP A 12 4.41 -5.78 -1.73
C ASP A 12 5.39 -5.45 -2.84
N VAL A 13 6.52 -4.86 -2.47
CA VAL A 13 7.54 -4.49 -3.46
C VAL A 13 8.28 -5.72 -3.98
N ASN A 14 8.08 -6.85 -3.32
CA ASN A 14 8.73 -8.08 -3.71
C ASN A 14 7.79 -8.97 -4.53
N GLY A 15 6.56 -8.52 -4.71
CA GLY A 15 5.60 -9.29 -5.48
C GLY A 15 4.59 -10.04 -4.63
N GLU A 16 4.63 -9.80 -3.31
CA GLU A 16 3.70 -10.45 -2.40
C GLU A 16 2.28 -9.96 -2.64
N THR A 17 1.38 -10.27 -1.70
CA THR A 17 -0.01 -9.84 -1.82
C THR A 17 -0.74 -9.94 -0.49
N LYS A 18 -0.66 -8.87 0.31
CA LYS A 18 -1.32 -8.85 1.61
C LYS A 18 -1.95 -7.49 1.92
N THR A 19 -2.21 -7.26 3.21
CA THR A 19 -2.81 -6.01 3.65
C THR A 19 -1.76 -4.94 3.77
N TRP A 20 -2.04 -3.82 3.14
CA TRP A 20 -1.09 -2.75 3.13
C TRP A 20 -1.74 -1.38 3.01
N THR A 21 -1.29 -0.46 3.85
CA THR A 21 -1.81 0.91 3.85
C THR A 21 -0.62 1.88 3.85
N GLY A 22 0.32 1.60 4.74
CA GLY A 22 1.52 2.41 4.87
C GLY A 22 2.56 1.68 5.69
N GLN A 23 3.06 0.56 5.17
CA GLN A 23 4.03 -0.26 5.88
C GLN A 23 5.43 0.33 5.82
N GLY A 24 6.09 0.16 4.67
CA GLY A 24 7.43 0.68 4.51
C GLY A 24 7.88 0.55 3.07
N ARG A 25 7.95 -0.68 2.59
CA ARG A 25 8.33 -0.94 1.22
C ARG A 25 7.23 -0.41 0.30
N THR A 26 7.60 0.49 -0.60
CA THR A 26 6.61 1.05 -1.51
C THR A 26 6.71 0.41 -2.87
N PRO A 27 6.04 -0.74 -3.07
CA PRO A 27 6.05 -1.46 -4.33
C PRO A 27 5.93 -0.49 -5.51
N LYS A 28 6.61 -0.82 -6.60
CA LYS A 28 6.63 0.04 -7.78
C LYS A 28 5.24 0.58 -8.14
N PRO A 29 4.23 -0.29 -8.31
CA PRO A 29 2.88 0.15 -8.65
C PRO A 29 2.28 1.07 -7.59
N ILE A 30 2.23 0.59 -6.35
CA ILE A 30 1.69 1.37 -5.25
C ILE A 30 2.51 2.65 -5.04
N ALA A 31 3.80 2.57 -5.31
CA ALA A 31 4.69 3.71 -5.14
C ALA A 31 4.18 4.93 -5.91
N GLN A 32 3.73 4.69 -7.14
CA GLN A 32 3.20 5.76 -7.97
C GLN A 32 1.93 6.33 -7.36
N ALA A 33 1.04 5.46 -6.91
CA ALA A 33 -0.21 5.88 -6.31
C ALA A 33 0.03 6.61 -4.99
N LEU A 34 0.91 6.05 -4.18
CA LEU A 34 1.23 6.65 -2.88
C LEU A 34 2.08 7.91 -3.05
N ALA A 35 2.99 7.87 -4.02
CA ALA A 35 3.87 9.01 -4.28
C ALA A 35 3.06 10.24 -4.65
N GLU A 36 1.86 10.02 -5.18
CA GLU A 36 0.99 11.13 -5.57
C GLU A 36 0.39 11.81 -4.34
N GLY A 37 0.43 11.13 -3.20
CA GLY A 37 -0.11 11.68 -1.99
C GLY A 37 -1.37 10.97 -1.52
N LYS A 38 -1.85 10.02 -2.30
CA LYS A 38 -3.06 9.27 -1.95
C LYS A 38 -2.72 8.02 -1.15
N SER A 39 -3.66 7.58 -0.33
CA SER A 39 -3.48 6.39 0.50
C SER A 39 -3.95 5.15 -0.24
N LEU A 40 -3.74 4.00 0.38
CA LEU A 40 -4.15 2.73 -0.22
C LEU A 40 -5.66 2.61 -0.35
N ASP A 41 -6.37 3.50 0.32
CA ASP A 41 -7.83 3.49 0.29
C ASP A 41 -8.34 3.49 -1.15
N ASP A 42 -7.51 3.97 -2.07
CA ASP A 42 -7.88 4.01 -3.48
C ASP A 42 -7.87 2.61 -4.08
N PHE A 43 -6.93 1.78 -3.64
CA PHE A 43 -6.82 0.41 -4.13
C PHE A 43 -7.24 -0.58 -3.05
N LEU A 44 -8.02 -0.12 -2.07
CA LEU A 44 -8.47 -0.98 -0.98
C LEU A 44 -9.36 -2.10 -1.52
N ILE A 45 -8.92 -3.34 -1.31
CA ILE A 45 -9.68 -4.51 -1.76
C ILE A 45 -10.09 -4.37 -3.23
N ARG A 1 5.80 3.48 13.29
CA ARG A 1 5.08 4.77 13.33
C ARG A 1 3.93 4.80 12.33
N GLN A 2 3.24 3.68 12.20
CA GLN A 2 2.12 3.58 11.27
C GLN A 2 0.80 3.88 11.99
N PRO A 3 -0.27 4.15 11.22
CA PRO A 3 -1.59 4.43 11.75
C PRO A 3 -2.38 3.14 11.88
N ARG A 4 -3.45 3.13 12.69
CA ARG A 4 -4.25 1.92 12.82
C ARG A 4 -4.53 1.38 11.42
N PRO A 5 -3.81 0.34 10.99
CA PRO A 5 -3.97 -0.24 9.67
C PRO A 5 -5.02 -1.34 9.63
N ALA A 6 -5.84 -1.33 8.58
CA ALA A 6 -6.89 -2.32 8.42
C ALA A 6 -6.49 -3.38 7.39
N LYS A 7 -7.47 -4.09 6.85
CA LYS A 7 -7.20 -5.12 5.85
C LYS A 7 -7.47 -4.60 4.46
N TYR A 8 -6.50 -4.80 3.57
CA TYR A 8 -6.60 -4.36 2.19
C TYR A 8 -5.84 -5.30 1.27
N LYS A 9 -6.01 -5.13 -0.03
CA LYS A 9 -5.34 -6.00 -0.98
C LYS A 9 -4.38 -5.18 -1.84
N PHE A 10 -3.12 -5.62 -1.85
CA PHE A 10 -2.07 -4.96 -2.60
C PHE A 10 -0.89 -5.91 -2.79
N THR A 11 0.10 -5.48 -3.56
CA THR A 11 1.29 -6.31 -3.78
C THR A 11 2.55 -5.61 -3.27
N ASP A 12 3.17 -6.16 -2.22
CA ASP A 12 4.40 -5.59 -1.65
C ASP A 12 5.43 -5.38 -2.75
N VAL A 13 6.58 -4.82 -2.39
CA VAL A 13 7.64 -4.56 -3.36
C VAL A 13 8.45 -5.81 -3.66
N ASN A 14 8.22 -6.86 -2.88
CA ASN A 14 8.94 -8.11 -3.05
C ASN A 14 8.10 -9.15 -3.81
N GLY A 15 6.89 -8.76 -4.21
CA GLY A 15 6.04 -9.67 -4.95
C GLY A 15 4.88 -10.20 -4.11
N GLU A 16 4.99 -10.08 -2.80
CA GLU A 16 3.95 -10.56 -1.90
C GLU A 16 2.68 -9.72 -2.07
N THR A 17 1.56 -10.23 -1.56
CA THR A 17 0.29 -9.53 -1.68
C THR A 17 -0.54 -9.68 -0.41
N LYS A 18 -0.53 -8.65 0.44
CA LYS A 18 -1.28 -8.67 1.69
C LYS A 18 -1.95 -7.33 1.97
N THR A 19 -2.27 -7.08 3.23
CA THR A 19 -2.91 -5.85 3.64
C THR A 19 -1.89 -4.75 3.74
N TRP A 20 -2.18 -3.67 3.06
CA TRP A 20 -1.25 -2.58 3.03
C TRP A 20 -1.93 -1.22 2.85
N THR A 21 -1.53 -0.27 3.68
CA THR A 21 -2.07 1.08 3.63
C THR A 21 -0.90 2.09 3.62
N GLY A 22 0.04 1.84 4.53
CA GLY A 22 1.22 2.68 4.64
C GLY A 22 2.26 1.98 5.51
N GLN A 23 2.78 0.85 5.03
CA GLN A 23 3.75 0.07 5.77
C GLN A 23 5.15 0.68 5.70
N GLY A 24 5.82 0.45 4.59
CA GLY A 24 7.17 0.97 4.41
C GLY A 24 7.64 0.78 2.99
N ARG A 25 7.71 -0.48 2.57
CA ARG A 25 8.12 -0.79 1.22
C ARG A 25 7.05 -0.29 0.25
N THR A 26 7.42 0.58 -0.67
CA THR A 26 6.47 1.12 -1.61
C THR A 26 6.61 0.44 -2.95
N PRO A 27 5.95 -0.72 -3.13
CA PRO A 27 5.99 -1.47 -4.38
C PRO A 27 5.90 -0.54 -5.58
N LYS A 28 6.61 -0.90 -6.65
CA LYS A 28 6.64 -0.07 -7.86
C LYS A 28 5.26 0.45 -8.26
N PRO A 29 4.26 -0.43 -8.41
CA PRO A 29 2.91 0.00 -8.79
C PRO A 29 2.30 0.96 -7.78
N ILE A 30 2.22 0.52 -6.53
CA ILE A 30 1.67 1.33 -5.46
C ILE A 30 2.46 2.62 -5.27
N ALA A 31 3.77 2.54 -5.54
CA ALA A 31 4.64 3.69 -5.39
C ALA A 31 4.12 4.88 -6.19
N GLN A 32 3.74 4.62 -7.44
CA GLN A 32 3.22 5.67 -8.30
C GLN A 32 1.93 6.25 -7.73
N ALA A 33 1.04 5.36 -7.27
CA ALA A 33 -0.22 5.79 -6.70
C ALA A 33 -0.01 6.57 -5.40
N LEU A 34 0.81 6.02 -4.51
CA LEU A 34 1.09 6.67 -3.24
C LEU A 34 1.92 7.92 -3.43
N ALA A 35 2.90 7.84 -4.32
CA ALA A 35 3.77 8.99 -4.60
C ALA A 35 2.97 10.17 -5.12
N GLU A 36 1.79 9.90 -5.67
CA GLU A 36 0.94 10.94 -6.21
C GLU A 36 0.27 11.73 -5.08
N GLY A 37 0.30 11.18 -3.87
CA GLY A 37 -0.31 11.85 -2.73
C GLY A 37 -1.55 11.15 -2.22
N LYS A 38 -2.01 10.14 -2.95
CA LYS A 38 -3.19 9.39 -2.56
C LYS A 38 -2.83 8.19 -1.68
N SER A 39 -3.77 7.77 -0.85
CA SER A 39 -3.56 6.63 0.04
C SER A 39 -4.01 5.34 -0.63
N LEU A 40 -3.80 4.22 0.05
CA LEU A 40 -4.18 2.91 -0.46
C LEU A 40 -5.69 2.78 -0.64
N ASP A 41 -6.42 3.70 -0.03
CA ASP A 41 -7.89 3.69 -0.11
C ASP A 41 -8.36 3.61 -1.56
N ASP A 42 -7.50 4.06 -2.49
CA ASP A 42 -7.84 4.03 -3.91
C ASP A 42 -7.86 2.60 -4.43
N PHE A 43 -6.93 1.78 -3.94
CA PHE A 43 -6.84 0.38 -4.36
C PHE A 43 -7.25 -0.56 -3.23
N LEU A 44 -8.00 -0.05 -2.26
CA LEU A 44 -8.44 -0.86 -1.13
C LEU A 44 -9.30 -2.04 -1.60
N ILE A 45 -8.95 -3.23 -1.13
CA ILE A 45 -9.68 -4.44 -1.51
C ILE A 45 -9.93 -4.50 -3.00
N ARG A 1 5.18 6.26 9.72
CA ARG A 1 5.60 5.29 8.69
C ARG A 1 4.75 4.02 8.74
N GLN A 2 4.28 3.69 9.94
CA GLN A 2 3.45 2.50 10.12
C GLN A 2 2.31 2.78 11.09
N PRO A 3 1.16 3.24 10.57
CA PRO A 3 -0.02 3.53 11.36
C PRO A 3 -0.91 2.30 11.44
N ARG A 4 -1.81 2.23 12.42
CA ARG A 4 -2.70 1.07 12.51
C ARG A 4 -3.27 0.78 11.13
N PRO A 5 -2.72 -0.23 10.43
CA PRO A 5 -3.16 -0.58 9.09
C PRO A 5 -4.31 -1.60 9.08
N ALA A 6 -5.40 -1.25 8.41
CA ALA A 6 -6.56 -2.13 8.33
C ALA A 6 -6.33 -3.24 7.31
N LYS A 7 -7.42 -3.85 6.85
CA LYS A 7 -7.31 -4.92 5.87
C LYS A 7 -7.59 -4.40 4.47
N TYR A 8 -6.67 -4.69 3.56
CA TYR A 8 -6.78 -4.26 2.17
C TYR A 8 -6.02 -5.22 1.27
N LYS A 9 -6.19 -5.07 -0.02
CA LYS A 9 -5.50 -5.94 -0.97
C LYS A 9 -4.55 -5.13 -1.83
N PHE A 10 -3.29 -5.53 -1.81
CA PHE A 10 -2.24 -4.86 -2.56
C PHE A 10 -1.04 -5.79 -2.70
N THR A 11 -0.04 -5.37 -3.49
CA THR A 11 1.16 -6.17 -3.68
C THR A 11 2.39 -5.45 -3.14
N ASP A 12 2.97 -5.98 -2.06
CA ASP A 12 4.17 -5.41 -1.46
C ASP A 12 5.26 -5.25 -2.53
N VAL A 13 6.42 -4.78 -2.10
CA VAL A 13 7.54 -4.59 -3.02
C VAL A 13 8.26 -5.90 -3.30
N ASN A 14 7.92 -6.92 -2.54
CA ASN A 14 8.54 -8.23 -2.70
C ASN A 14 7.66 -9.18 -3.51
N GLY A 15 6.47 -8.72 -3.87
CA GLY A 15 5.57 -9.55 -4.65
C GLY A 15 4.39 -10.08 -3.84
N GLU A 16 4.58 -10.19 -2.53
CA GLU A 16 3.52 -10.68 -1.66
C GLU A 16 2.35 -9.71 -1.63
N THR A 17 1.13 -10.25 -1.68
CA THR A 17 -0.08 -9.43 -1.67
C THR A 17 -0.84 -9.56 -0.36
N LYS A 18 -0.85 -8.49 0.43
CA LYS A 18 -1.54 -8.50 1.71
C LYS A 18 -2.22 -7.15 2.01
N THR A 19 -2.49 -6.91 3.28
CA THR A 19 -3.13 -5.67 3.71
C THR A 19 -2.10 -4.60 3.92
N TRP A 20 -2.25 -3.52 3.19
CA TRP A 20 -1.29 -2.47 3.26
C TRP A 20 -1.89 -1.10 2.93
N THR A 21 -1.51 -0.10 3.71
CA THR A 21 -1.97 1.26 3.51
C THR A 21 -0.77 2.20 3.51
N GLY A 22 0.11 1.97 4.48
CA GLY A 22 1.32 2.75 4.62
C GLY A 22 2.30 2.04 5.52
N GLN A 23 3.18 1.23 4.94
CA GLN A 23 4.16 0.48 5.69
C GLN A 23 5.53 1.06 5.44
N GLY A 24 6.54 0.21 5.38
CA GLY A 24 7.87 0.68 5.14
C GLY A 24 8.26 0.54 3.69
N ARG A 25 7.82 -0.54 3.07
CA ARG A 25 8.10 -0.79 1.66
C ARG A 25 7.05 -0.14 0.78
N THR A 26 7.48 0.54 -0.26
CA THR A 26 6.55 1.19 -1.17
C THR A 26 6.60 0.54 -2.53
N PRO A 27 5.84 -0.55 -2.73
CA PRO A 27 5.79 -1.25 -4.01
C PRO A 27 5.78 -0.28 -5.18
N LYS A 28 6.41 -0.68 -6.28
CA LYS A 28 6.51 0.17 -7.47
C LYS A 28 5.18 0.84 -7.83
N PRO A 29 4.11 0.05 -8.05
CA PRO A 29 2.80 0.61 -8.40
C PRO A 29 2.20 1.45 -7.29
N ILE A 30 2.09 0.86 -6.10
CA ILE A 30 1.54 1.55 -4.95
C ILE A 30 2.37 2.79 -4.62
N ALA A 31 3.67 2.70 -4.88
CA ALA A 31 4.58 3.82 -4.63
C ALA A 31 4.11 5.08 -5.34
N GLN A 32 3.78 4.93 -6.61
CA GLN A 32 3.29 6.06 -7.40
C GLN A 32 2.05 6.65 -6.77
N ALA A 33 1.22 5.77 -6.19
CA ALA A 33 -0.02 6.19 -5.54
C ALA A 33 0.27 7.14 -4.37
N LEU A 34 1.20 6.74 -3.51
CA LEU A 34 1.56 7.56 -2.35
C LEU A 34 2.28 8.83 -2.78
N ALA A 35 3.03 8.76 -3.88
CA ALA A 35 3.76 9.91 -4.38
C ALA A 35 2.81 11.04 -4.71
N GLU A 36 1.60 10.70 -5.11
CA GLU A 36 0.58 11.69 -5.44
C GLU A 36 -0.26 12.03 -4.22
N GLY A 37 -0.22 11.14 -3.22
CA GLY A 37 -0.99 11.36 -2.00
C GLY A 37 -2.16 10.41 -1.86
N LYS A 38 -2.32 9.51 -2.84
CA LYS A 38 -3.41 8.54 -2.82
C LYS A 38 -2.99 7.25 -2.13
N SER A 39 -3.76 6.84 -1.14
CA SER A 39 -3.49 5.60 -0.41
C SER A 39 -4.22 4.44 -1.07
N LEU A 40 -4.24 3.28 -0.42
CA LEU A 40 -4.91 2.10 -0.96
C LEU A 40 -6.43 2.29 -1.00
N ASP A 41 -6.90 3.42 -0.49
CA ASP A 41 -8.34 3.71 -0.47
C ASP A 41 -8.94 3.58 -1.88
N ASP A 42 -8.10 3.75 -2.89
CA ASP A 42 -8.55 3.65 -4.27
C ASP A 42 -8.38 2.23 -4.79
N PHE A 43 -7.38 1.53 -4.27
CA PHE A 43 -7.11 0.16 -4.67
C PHE A 43 -7.43 -0.81 -3.55
N LEU A 44 -8.43 -0.48 -2.75
CA LEU A 44 -8.83 -1.31 -1.63
C LEU A 44 -9.67 -2.50 -2.09
N ILE A 45 -9.13 -3.70 -1.94
CA ILE A 45 -9.83 -4.92 -2.34
C ILE A 45 -10.31 -4.83 -3.78
N ARG A 1 4.76 6.61 10.68
CA ARG A 1 5.17 5.65 9.63
C ARG A 1 4.28 4.41 9.63
N GLN A 2 3.78 4.05 10.81
CA GLN A 2 2.91 2.89 10.94
C GLN A 2 1.69 3.22 11.80
N PRO A 3 0.61 3.70 11.18
CA PRO A 3 -0.63 4.03 11.86
C PRO A 3 -1.54 2.82 11.89
N ARG A 4 -2.52 2.78 12.80
CA ARG A 4 -3.43 1.64 12.84
C ARG A 4 -3.91 1.34 11.44
N PRO A 5 -3.34 0.31 10.79
CA PRO A 5 -3.68 -0.05 9.43
C PRO A 5 -4.84 -1.04 9.34
N ALA A 6 -5.68 -0.87 8.33
CA ALA A 6 -6.84 -1.74 8.15
C ALA A 6 -6.53 -2.85 7.14
N LYS A 7 -7.56 -3.50 6.63
CA LYS A 7 -7.39 -4.57 5.65
C LYS A 7 -7.65 -4.05 4.25
N TYR A 8 -6.71 -4.33 3.36
CA TYR A 8 -6.79 -3.93 1.96
C TYR A 8 -6.00 -4.90 1.10
N LYS A 9 -6.15 -4.80 -0.20
CA LYS A 9 -5.44 -5.69 -1.10
C LYS A 9 -4.47 -4.91 -1.99
N PHE A 10 -3.21 -5.34 -1.97
CA PHE A 10 -2.16 -4.69 -2.73
C PHE A 10 -0.97 -5.64 -2.90
N THR A 11 0.01 -5.24 -3.69
CA THR A 11 1.20 -6.06 -3.89
C THR A 11 2.44 -5.36 -3.30
N ASP A 12 2.99 -5.94 -2.24
CA ASP A 12 4.17 -5.39 -1.58
C ASP A 12 5.31 -5.20 -2.59
N VAL A 13 6.32 -4.43 -2.20
CA VAL A 13 7.46 -4.18 -3.07
C VAL A 13 8.13 -5.48 -3.50
N ASN A 14 7.89 -6.53 -2.74
CA ASN A 14 8.46 -7.83 -3.02
C ASN A 14 7.47 -8.76 -3.70
N GLY A 15 6.22 -8.32 -3.82
CA GLY A 15 5.20 -9.13 -4.46
C GLY A 15 4.19 -9.69 -3.47
N GLU A 16 4.38 -9.41 -2.19
CA GLU A 16 3.46 -9.90 -1.17
C GLU A 16 2.10 -9.25 -1.29
N THR A 17 1.11 -10.04 -1.70
CA THR A 17 -0.26 -9.52 -1.86
C THR A 17 -1.02 -9.54 -0.55
N LYS A 18 -0.93 -8.44 0.21
CA LYS A 18 -1.62 -8.35 1.49
C LYS A 18 -2.19 -6.95 1.73
N THR A 19 -2.45 -6.64 3.01
CA THR A 19 -2.99 -5.34 3.40
C THR A 19 -1.88 -4.38 3.68
N TRP A 20 -1.90 -3.27 3.00
CA TRP A 20 -0.84 -2.31 3.15
C TRP A 20 -1.29 -0.88 2.87
N THR A 21 -1.17 -0.04 3.89
CA THR A 21 -1.52 1.37 3.78
C THR A 21 -0.25 2.20 3.82
N GLY A 22 0.61 1.84 4.76
CA GLY A 22 1.89 2.52 4.93
C GLY A 22 2.83 1.70 5.79
N GLN A 23 3.24 0.53 5.29
CA GLN A 23 4.11 -0.37 6.03
C GLN A 23 5.58 0.07 5.95
N GLY A 24 6.29 -0.39 4.92
CA GLY A 24 7.68 -0.03 4.77
C GLY A 24 8.00 0.45 3.37
N ARG A 25 8.59 -0.43 2.57
CA ARG A 25 8.93 -0.07 1.19
C ARG A 25 7.69 0.29 0.42
N THR A 26 7.87 1.07 -0.64
CA THR A 26 6.78 1.48 -1.48
C THR A 26 6.90 0.80 -2.83
N PRO A 27 6.29 -0.39 -2.99
CA PRO A 27 6.34 -1.13 -4.23
C PRO A 27 6.26 -0.21 -5.45
N LYS A 28 6.96 -0.57 -6.52
CA LYS A 28 6.99 0.25 -7.73
C LYS A 28 5.59 0.73 -8.15
N PRO A 29 4.65 -0.18 -8.39
CA PRO A 29 3.29 0.19 -8.79
C PRO A 29 2.59 1.04 -7.73
N ILE A 30 2.54 0.52 -6.52
CA ILE A 30 1.92 1.22 -5.40
C ILE A 30 2.62 2.56 -5.15
N ALA A 31 3.92 2.61 -5.42
CA ALA A 31 4.70 3.82 -5.23
C ALA A 31 4.08 4.98 -5.98
N GLN A 32 3.70 4.73 -7.23
CA GLN A 32 3.08 5.77 -8.05
C GLN A 32 1.77 6.23 -7.42
N ALA A 33 0.96 5.27 -6.98
CA ALA A 33 -0.32 5.59 -6.35
C ALA A 33 -0.11 6.32 -5.03
N LEU A 34 0.78 5.78 -4.21
CA LEU A 34 1.09 6.37 -2.91
C LEU A 34 1.80 7.70 -3.09
N ALA A 35 2.60 7.80 -4.16
CA ALA A 35 3.34 9.02 -4.45
C ALA A 35 2.39 10.18 -4.68
N GLU A 36 1.19 9.87 -5.16
CA GLU A 36 0.19 10.90 -5.42
C GLU A 36 -0.41 11.43 -4.12
N GLY A 37 -0.20 10.68 -3.03
CA GLY A 37 -0.72 11.11 -1.73
C GLY A 37 -1.86 10.23 -1.24
N LYS A 38 -2.39 9.37 -2.12
CA LYS A 38 -3.48 8.49 -1.75
C LYS A 38 -2.97 7.15 -1.22
N SER A 39 -3.71 6.57 -0.26
CA SER A 39 -3.34 5.30 0.33
C SER A 39 -3.97 4.15 -0.45
N LEU A 40 -4.01 2.96 0.16
CA LEU A 40 -4.60 1.79 -0.47
C LEU A 40 -6.11 1.97 -0.70
N ASP A 41 -6.68 3.02 -0.12
CA ASP A 41 -8.10 3.28 -0.26
C ASP A 41 -8.52 3.32 -1.73
N ASP A 42 -7.57 3.60 -2.60
CA ASP A 42 -7.84 3.65 -4.04
C ASP A 42 -7.97 2.25 -4.62
N PHE A 43 -7.14 1.33 -4.13
CA PHE A 43 -7.15 -0.05 -4.61
C PHE A 43 -7.65 -1.00 -3.53
N LEU A 44 -8.49 -0.49 -2.63
CA LEU A 44 -9.04 -1.32 -1.55
C LEU A 44 -9.83 -2.50 -2.11
N ILE A 45 -9.23 -3.69 -2.01
CA ILE A 45 -9.87 -4.91 -2.50
C ILE A 45 -10.53 -4.70 -3.87
N ARG A 1 4.83 7.75 9.89
CA ARG A 1 4.46 6.84 8.78
C ARG A 1 3.82 5.56 9.31
N GLN A 2 2.57 5.67 9.77
CA GLN A 2 1.85 4.52 10.31
C GLN A 2 0.39 4.87 10.57
N PRO A 3 -0.47 4.70 9.56
CA PRO A 3 -1.89 4.97 9.66
C PRO A 3 -2.62 3.71 10.10
N ARG A 4 -3.83 3.85 10.65
CA ARG A 4 -4.57 2.65 11.08
C ARG A 4 -4.52 1.63 9.94
N PRO A 5 -3.66 0.61 10.07
CA PRO A 5 -3.50 -0.42 9.05
C PRO A 5 -4.45 -1.59 9.22
N ALA A 6 -5.58 -1.54 8.52
CA ALA A 6 -6.58 -2.60 8.61
C ALA A 6 -6.28 -3.70 7.57
N LYS A 7 -7.32 -4.40 7.13
CA LYS A 7 -7.14 -5.46 6.14
C LYS A 7 -7.46 -4.94 4.75
N TYR A 8 -6.53 -5.17 3.83
CA TYR A 8 -6.68 -4.75 2.44
C TYR A 8 -5.89 -5.66 1.53
N LYS A 9 -6.12 -5.54 0.23
CA LYS A 9 -5.41 -6.36 -0.73
C LYS A 9 -4.59 -5.47 -1.67
N PHE A 10 -3.30 -5.76 -1.74
CA PHE A 10 -2.37 -5.00 -2.56
C PHE A 10 -1.15 -5.85 -2.87
N THR A 11 -0.26 -5.35 -3.71
CA THR A 11 0.96 -6.08 -4.04
C THR A 11 2.18 -5.39 -3.45
N ASP A 12 2.80 -6.02 -2.45
CA ASP A 12 3.99 -5.47 -1.80
C ASP A 12 5.09 -5.24 -2.83
N VAL A 13 6.17 -4.60 -2.40
CA VAL A 13 7.30 -4.32 -3.29
C VAL A 13 8.02 -5.61 -3.66
N ASN A 14 7.70 -6.69 -2.97
CA ASN A 14 8.32 -7.98 -3.22
C ASN A 14 7.45 -8.89 -4.10
N GLY A 15 6.23 -8.45 -4.38
CA GLY A 15 5.34 -9.25 -5.21
C GLY A 15 4.20 -9.87 -4.43
N GLU A 16 4.38 -10.02 -3.12
CA GLU A 16 3.35 -10.61 -2.27
C GLU A 16 2.13 -9.70 -2.22
N THR A 17 0.98 -10.25 -1.83
CA THR A 17 -0.25 -9.46 -1.75
C THR A 17 -0.97 -9.66 -0.42
N LYS A 18 -0.88 -8.66 0.45
CA LYS A 18 -1.53 -8.73 1.75
C LYS A 18 -2.10 -7.38 2.17
N THR A 19 -2.43 -7.25 3.45
CA THR A 19 -2.98 -6.02 3.99
C THR A 19 -1.87 -5.04 4.23
N TRP A 20 -1.96 -3.91 3.56
CA TRP A 20 -0.92 -2.94 3.67
C TRP A 20 -1.43 -1.51 3.41
N THR A 21 -0.93 -0.58 4.21
CA THR A 21 -1.31 0.82 4.08
C THR A 21 -0.06 1.69 4.01
N GLY A 22 0.87 1.40 4.92
CA GLY A 22 2.13 2.12 4.98
C GLY A 22 3.15 1.33 5.79
N GLN A 23 3.58 0.20 5.24
CA GLN A 23 4.54 -0.66 5.93
C GLN A 23 5.96 -0.14 5.79
N GLY A 24 6.68 -0.58 4.75
CA GLY A 24 8.04 -0.13 4.55
C GLY A 24 8.27 0.36 3.13
N ARG A 25 8.77 -0.53 2.28
CA ARG A 25 9.02 -0.16 0.89
C ARG A 25 7.73 0.22 0.21
N THR A 26 7.84 1.00 -0.85
CA THR A 26 6.70 1.42 -1.61
C THR A 26 6.72 0.75 -2.98
N PRO A 27 6.12 -0.44 -3.10
CA PRO A 27 6.09 -1.17 -4.35
C PRO A 27 5.90 -0.23 -5.53
N LYS A 28 6.47 -0.60 -6.68
CA LYS A 28 6.40 0.25 -7.89
C LYS A 28 4.99 0.81 -8.13
N PRO A 29 3.98 -0.06 -8.25
CA PRO A 29 2.59 0.38 -8.48
C PRO A 29 2.11 1.31 -7.37
N ILE A 30 2.20 0.83 -6.13
CA ILE A 30 1.77 1.61 -4.98
C ILE A 30 2.60 2.87 -4.84
N ALA A 31 3.86 2.81 -5.27
CA ALA A 31 4.75 3.96 -5.18
C ALA A 31 4.12 5.18 -5.85
N GLN A 32 3.51 4.95 -7.00
CA GLN A 32 2.86 6.02 -7.74
C GLN A 32 1.63 6.49 -6.97
N ALA A 33 0.94 5.55 -6.34
CA ALA A 33 -0.26 5.86 -5.57
C ALA A 33 0.08 6.65 -4.30
N LEU A 34 1.06 6.15 -3.56
CA LEU A 34 1.48 6.80 -2.32
C LEU A 34 2.21 8.11 -2.61
N ALA A 35 2.98 8.10 -3.68
CA ALA A 35 3.73 9.29 -4.08
C ALA A 35 2.78 10.44 -4.36
N GLU A 36 1.58 10.10 -4.82
CA GLU A 36 0.56 11.11 -5.12
C GLU A 36 -0.05 11.66 -3.82
N GLY A 37 0.15 10.94 -2.72
CA GLY A 37 -0.40 11.37 -1.44
C GLY A 37 -1.53 10.48 -0.95
N LYS A 38 -2.06 9.64 -1.83
CA LYS A 38 -3.14 8.74 -1.46
C LYS A 38 -2.60 7.39 -0.97
N SER A 39 -3.32 6.79 -0.03
CA SER A 39 -2.93 5.50 0.52
C SER A 39 -3.55 4.37 -0.29
N LEU A 40 -3.47 3.14 0.23
CA LEU A 40 -4.03 1.98 -0.46
C LEU A 40 -5.55 2.07 -0.57
N ASP A 41 -6.15 3.03 0.13
CA ASP A 41 -7.60 3.20 0.10
C ASP A 41 -8.12 3.30 -1.33
N ASP A 42 -7.26 3.71 -2.24
CA ASP A 42 -7.64 3.83 -3.65
C ASP A 42 -7.87 2.45 -4.27
N PHE A 43 -6.99 1.52 -3.96
CA PHE A 43 -7.10 0.16 -4.49
C PHE A 43 -7.42 -0.84 -3.38
N LEU A 44 -8.09 -0.37 -2.33
CA LEU A 44 -8.46 -1.23 -1.21
C LEU A 44 -9.35 -2.39 -1.67
N ILE A 45 -8.84 -3.60 -1.55
CA ILE A 45 -9.58 -4.80 -1.95
C ILE A 45 -10.05 -4.69 -3.40
N ARG A 1 5.89 5.88 9.46
CA ARG A 1 5.00 5.94 10.64
C ARG A 1 3.84 4.96 10.51
N GLN A 2 4.10 3.70 10.85
CA GLN A 2 3.07 2.65 10.76
C GLN A 2 1.83 3.05 11.58
N PRO A 3 0.75 3.47 10.90
CA PRO A 3 -0.50 3.84 11.54
C PRO A 3 -1.40 2.63 11.64
N ARG A 4 -2.40 2.65 12.53
CA ARG A 4 -3.30 1.51 12.64
C ARG A 4 -3.76 1.11 11.23
N PRO A 5 -3.16 0.04 10.68
CA PRO A 5 -3.47 -0.43 9.33
C PRO A 5 -4.63 -1.43 9.30
N ALA A 6 -5.50 -1.27 8.31
CA ALA A 6 -6.65 -2.15 8.17
C ALA A 6 -6.36 -3.26 7.16
N LYS A 7 -7.42 -3.89 6.64
CA LYS A 7 -7.26 -4.96 5.66
C LYS A 7 -7.49 -4.43 4.26
N TYR A 8 -6.53 -4.70 3.37
CA TYR A 8 -6.62 -4.26 1.98
C TYR A 8 -5.88 -5.23 1.07
N LYS A 9 -6.07 -5.07 -0.23
CA LYS A 9 -5.42 -5.95 -1.18
C LYS A 9 -4.52 -5.16 -2.11
N PHE A 10 -3.25 -5.56 -2.14
CA PHE A 10 -2.23 -4.90 -2.94
C PHE A 10 -1.02 -5.82 -3.10
N THR A 11 -0.04 -5.39 -3.90
CA THR A 11 1.16 -6.18 -4.10
C THR A 11 2.37 -5.51 -3.43
N ASP A 12 2.89 -6.14 -2.38
CA ASP A 12 4.05 -5.61 -1.66
C ASP A 12 5.19 -5.29 -2.62
N VAL A 13 6.29 -4.78 -2.07
CA VAL A 13 7.45 -4.44 -2.88
C VAL A 13 8.27 -5.67 -3.24
N ASN A 14 8.07 -6.74 -2.49
CA ASN A 14 8.80 -7.98 -2.72
C ASN A 14 7.97 -9.00 -3.49
N GLY A 15 6.91 -8.54 -4.15
CA GLY A 15 6.06 -9.43 -4.91
C GLY A 15 4.90 -9.99 -4.11
N GLU A 16 4.94 -9.80 -2.79
CA GLU A 16 3.87 -10.29 -1.92
C GLU A 16 2.56 -9.54 -2.21
N THR A 17 1.49 -9.93 -1.53
CA THR A 17 0.20 -9.28 -1.73
C THR A 17 -0.71 -9.46 -0.51
N LYS A 18 -0.69 -8.48 0.40
CA LYS A 18 -1.51 -8.55 1.60
C LYS A 18 -2.10 -7.19 1.97
N THR A 19 -2.57 -7.08 3.20
CA THR A 19 -3.14 -5.84 3.70
C THR A 19 -2.08 -4.80 3.88
N TRP A 20 -2.29 -3.66 3.25
CA TRP A 20 -1.31 -2.62 3.29
C TRP A 20 -1.92 -1.22 3.16
N THR A 21 -1.40 -0.30 3.96
CA THR A 21 -1.87 1.08 3.94
C THR A 21 -0.66 2.02 3.85
N GLY A 22 0.34 1.72 4.68
CA GLY A 22 1.57 2.50 4.70
C GLY A 22 2.66 1.75 5.45
N GLN A 23 2.89 0.50 5.04
CA GLN A 23 3.89 -0.36 5.69
C GLN A 23 5.30 -0.09 5.20
N GLY A 24 5.70 1.17 5.21
CA GLY A 24 7.05 1.52 4.78
C GLY A 24 7.31 1.17 3.33
N ARG A 25 7.62 -0.09 3.06
CA ARG A 25 7.91 -0.52 1.69
C ARG A 25 6.86 0.01 0.73
N THR A 26 7.32 0.72 -0.30
CA THR A 26 6.42 1.27 -1.28
C THR A 26 6.59 0.57 -2.61
N PRO A 27 5.89 -0.57 -2.80
CA PRO A 27 5.96 -1.33 -4.03
C PRO A 27 5.96 -0.41 -5.25
N LYS A 28 6.76 -0.77 -6.26
CA LYS A 28 6.90 0.05 -7.47
C LYS A 28 5.56 0.59 -7.98
N PRO A 29 4.58 -0.29 -8.25
CA PRO A 29 3.28 0.16 -8.75
C PRO A 29 2.54 1.06 -7.77
N ILE A 30 2.26 0.55 -6.58
CA ILE A 30 1.56 1.30 -5.56
C ILE A 30 2.35 2.56 -5.19
N ALA A 31 3.67 2.48 -5.28
CA ALA A 31 4.53 3.62 -4.95
C ALA A 31 4.11 4.84 -5.74
N GLN A 32 3.90 4.66 -7.04
CA GLN A 32 3.47 5.75 -7.90
C GLN A 32 2.14 6.30 -7.40
N ALA A 33 1.26 5.40 -6.97
CA ALA A 33 -0.04 5.79 -6.45
C ALA A 33 0.11 6.57 -5.15
N LEU A 34 0.92 6.04 -4.23
CA LEU A 34 1.14 6.70 -2.95
C LEU A 34 1.89 8.01 -3.16
N ALA A 35 2.81 8.00 -4.13
CA ALA A 35 3.60 9.18 -4.44
C ALA A 35 2.72 10.34 -4.85
N GLU A 36 1.54 10.02 -5.39
CA GLU A 36 0.59 11.04 -5.83
C GLU A 36 -0.08 11.71 -4.63
N GLY A 37 0.02 11.06 -3.46
CA GLY A 37 -0.57 11.61 -2.26
C GLY A 37 -1.78 10.81 -1.78
N LYS A 38 -2.24 9.88 -2.60
CA LYS A 38 -3.39 9.06 -2.25
C LYS A 38 -2.97 7.77 -1.55
N SER A 39 -3.80 7.30 -0.62
CA SER A 39 -3.52 6.08 0.13
C SER A 39 -4.11 4.87 -0.60
N LEU A 40 -4.00 3.71 0.02
CA LEU A 40 -4.52 2.47 -0.56
C LEU A 40 -6.05 2.47 -0.63
N ASP A 41 -6.66 3.44 0.04
CA ASP A 41 -8.11 3.56 0.06
C ASP A 41 -8.69 3.54 -1.35
N ASP A 42 -7.87 3.94 -2.33
CA ASP A 42 -8.30 3.96 -3.72
C ASP A 42 -8.30 2.55 -4.31
N PHE A 43 -7.37 1.72 -3.84
CA PHE A 43 -7.26 0.34 -4.32
C PHE A 43 -7.66 -0.65 -3.23
N LEU A 44 -8.46 -0.19 -2.27
CA LEU A 44 -8.90 -1.05 -1.17
C LEU A 44 -9.69 -2.24 -1.69
N ILE A 45 -9.19 -3.44 -1.39
CA ILE A 45 -9.85 -4.67 -1.82
C ILE A 45 -10.15 -4.65 -3.32
N ARG A 1 5.81 4.76 11.54
CA ARG A 1 5.30 3.90 12.63
C ARG A 1 4.28 2.90 12.11
N GLN A 2 3.88 1.96 12.97
CA GLN A 2 2.90 0.95 12.60
C GLN A 2 1.73 0.92 13.59
N PRO A 3 0.70 1.74 13.32
CA PRO A 3 -0.50 1.80 14.15
C PRO A 3 -1.53 0.81 13.67
N ARG A 4 -2.50 0.43 14.50
CA ARG A 4 -3.52 -0.51 14.06
C ARG A 4 -4.04 -0.05 12.69
N PRO A 5 -3.58 -0.70 11.61
CA PRO A 5 -3.96 -0.34 10.26
C PRO A 5 -5.23 -1.06 9.78
N ALA A 6 -5.71 -0.67 8.62
CA ALA A 6 -6.92 -1.28 8.05
C ALA A 6 -6.57 -2.48 7.17
N LYS A 7 -7.58 -3.23 6.75
CA LYS A 7 -7.36 -4.39 5.90
C LYS A 7 -7.65 -4.05 4.45
N TYR A 8 -6.70 -4.38 3.58
CA TYR A 8 -6.83 -4.14 2.15
C TYR A 8 -6.00 -5.14 1.38
N LYS A 9 -6.17 -5.16 0.07
CA LYS A 9 -5.44 -6.10 -0.77
C LYS A 9 -4.49 -5.35 -1.70
N PHE A 10 -3.22 -5.72 -1.62
CA PHE A 10 -2.17 -5.11 -2.42
C PHE A 10 -0.94 -6.03 -2.47
N THR A 11 0.06 -5.65 -3.24
CA THR A 11 1.28 -6.44 -3.33
C THR A 11 2.49 -5.66 -2.82
N ASP A 12 3.13 -6.16 -1.76
CA ASP A 12 4.31 -5.51 -1.19
C ASP A 12 5.33 -5.21 -2.29
N VAL A 13 6.44 -4.60 -1.91
CA VAL A 13 7.49 -4.25 -2.88
C VAL A 13 8.24 -5.50 -3.34
N ASN A 14 8.03 -6.60 -2.63
CA ASN A 14 8.68 -7.85 -2.97
C ASN A 14 7.75 -8.78 -3.75
N GLY A 15 6.49 -8.40 -3.84
CA GLY A 15 5.53 -9.21 -4.57
C GLY A 15 4.56 -9.95 -3.66
N GLU A 16 4.50 -9.55 -2.40
CA GLU A 16 3.61 -10.19 -1.43
C GLU A 16 2.15 -9.86 -1.76
N THR A 17 1.25 -10.13 -0.82
CA THR A 17 -0.17 -9.87 -1.02
C THR A 17 -0.90 -9.74 0.31
N LYS A 18 -0.82 -8.57 0.93
CA LYS A 18 -1.48 -8.34 2.22
C LYS A 18 -2.12 -6.96 2.30
N THR A 19 -2.40 -6.53 3.54
CA THR A 19 -3.01 -5.24 3.80
C THR A 19 -1.95 -4.19 3.94
N TRP A 20 -2.02 -3.19 3.08
CA TRP A 20 -1.02 -2.17 3.09
C TRP A 20 -1.57 -0.85 2.59
N THR A 21 -1.60 0.14 3.47
CA THR A 21 -2.07 1.47 3.13
C THR A 21 -0.89 2.44 3.12
N GLY A 22 -0.06 2.31 4.14
CA GLY A 22 1.13 3.12 4.27
C GLY A 22 2.08 2.52 5.29
N GLN A 23 2.63 1.34 4.96
CA GLN A 23 3.52 0.63 5.87
C GLN A 23 4.93 1.22 5.86
N GLY A 24 5.68 0.91 4.81
CA GLY A 24 7.03 1.42 4.69
C GLY A 24 7.57 1.24 3.30
N ARG A 25 7.65 -0.02 2.87
CA ARG A 25 8.13 -0.34 1.54
C ARG A 25 7.10 0.14 0.51
N THR A 26 7.55 0.94 -0.44
CA THR A 26 6.64 1.46 -1.46
C THR A 26 6.80 0.68 -2.76
N PRO A 27 6.07 -0.44 -2.90
CA PRO A 27 6.12 -1.26 -4.11
C PRO A 27 6.09 -0.41 -5.37
N LYS A 28 6.86 -0.80 -6.36
CA LYS A 28 6.96 -0.04 -7.62
C LYS A 28 5.59 0.41 -8.13
N PRO A 29 4.63 -0.52 -8.31
CA PRO A 29 3.29 -0.18 -8.80
C PRO A 29 2.57 0.84 -7.90
N ILE A 30 2.29 0.43 -6.67
CA ILE A 30 1.61 1.30 -5.72
C ILE A 30 2.40 2.58 -5.47
N ALA A 31 3.72 2.47 -5.55
CA ALA A 31 4.60 3.62 -5.33
C ALA A 31 4.23 4.77 -6.25
N GLN A 32 3.88 4.44 -7.50
CA GLN A 32 3.50 5.46 -8.47
C GLN A 32 2.17 6.08 -8.08
N ALA A 33 1.21 5.23 -7.73
CA ALA A 33 -0.11 5.69 -7.32
C ALA A 33 -0.01 6.50 -6.04
N LEU A 34 0.81 6.02 -5.11
CA LEU A 34 1.00 6.69 -3.83
C LEU A 34 1.85 7.95 -4.01
N ALA A 35 2.80 7.87 -4.94
CA ALA A 35 3.68 8.98 -5.23
C ALA A 35 2.90 10.21 -5.67
N GLU A 36 1.71 9.97 -6.22
CA GLU A 36 0.85 11.05 -6.68
C GLU A 36 0.25 11.81 -5.50
N GLY A 37 0.35 11.22 -4.31
CA GLY A 37 -0.19 11.87 -3.12
C GLY A 37 -1.47 11.22 -2.62
N LYS A 38 -2.01 10.27 -3.39
CA LYS A 38 -3.24 9.59 -3.01
C LYS A 38 -2.95 8.33 -2.20
N SER A 39 -3.90 7.94 -1.36
CA SER A 39 -3.76 6.74 -0.54
C SER A 39 -4.32 5.53 -1.27
N LEU A 40 -4.16 4.35 -0.69
CA LEU A 40 -4.64 3.12 -1.31
C LEU A 40 -6.18 3.07 -1.38
N ASP A 41 -6.85 4.10 -0.84
CA ASP A 41 -8.30 4.15 -0.87
C ASP A 41 -8.82 3.95 -2.29
N ASP A 42 -7.99 4.27 -3.27
CA ASP A 42 -8.37 4.12 -4.67
C ASP A 42 -8.08 2.70 -5.16
N PHE A 43 -7.04 2.09 -4.60
CA PHE A 43 -6.67 0.72 -4.97
C PHE A 43 -6.94 -0.24 -3.83
N LEU A 44 -7.96 0.07 -3.03
CA LEU A 44 -8.32 -0.77 -1.90
C LEU A 44 -9.13 -1.99 -2.35
N ILE A 45 -8.65 -3.18 -1.98
CA ILE A 45 -9.32 -4.42 -2.35
C ILE A 45 -9.54 -4.50 -3.86
N ARG A 1 3.82 8.15 10.05
CA ARG A 1 3.14 7.82 8.77
C ARG A 1 2.28 6.57 8.91
N GLN A 2 2.69 5.67 9.79
CA GLN A 2 1.96 4.43 10.02
C GLN A 2 0.50 4.70 10.37
N PRO A 3 -0.42 4.51 9.40
CA PRO A 3 -1.84 4.71 9.59
C PRO A 3 -2.49 3.42 10.06
N ARG A 4 -3.67 3.48 10.66
CA ARG A 4 -4.34 2.26 11.09
C ARG A 4 -4.30 1.26 9.94
N PRO A 5 -3.39 0.27 10.02
CA PRO A 5 -3.23 -0.73 8.98
C PRO A 5 -4.13 -1.95 9.17
N ALA A 6 -5.31 -1.91 8.57
CA ALA A 6 -6.26 -3.01 8.68
C ALA A 6 -6.00 -4.07 7.61
N LYS A 7 -7.04 -4.75 7.16
CA LYS A 7 -6.89 -5.78 6.14
C LYS A 7 -7.24 -5.21 4.77
N TYR A 8 -6.33 -5.41 3.82
CA TYR A 8 -6.51 -4.94 2.46
C TYR A 8 -5.76 -5.83 1.48
N LYS A 9 -6.03 -5.66 0.20
CA LYS A 9 -5.36 -6.45 -0.81
C LYS A 9 -4.57 -5.56 -1.75
N PHE A 10 -3.28 -5.86 -1.87
CA PHE A 10 -2.36 -5.09 -2.69
C PHE A 10 -1.14 -5.95 -3.01
N THR A 11 -0.25 -5.45 -3.87
CA THR A 11 0.95 -6.19 -4.20
C THR A 11 2.18 -5.54 -3.55
N ASP A 12 2.75 -6.25 -2.58
CA ASP A 12 3.94 -5.77 -1.86
C ASP A 12 5.08 -5.49 -2.83
N VAL A 13 6.10 -4.77 -2.38
CA VAL A 13 7.24 -4.46 -3.22
C VAL A 13 7.99 -5.73 -3.62
N ASN A 14 7.70 -6.82 -2.92
CA ASN A 14 8.34 -8.09 -3.19
C ASN A 14 7.46 -9.01 -4.02
N GLY A 15 6.23 -8.60 -4.28
CA GLY A 15 5.32 -9.40 -5.07
C GLY A 15 4.19 -10.01 -4.26
N GLU A 16 4.41 -10.20 -2.97
CA GLU A 16 3.39 -10.78 -2.10
C GLU A 16 2.19 -9.84 -1.96
N THR A 17 0.99 -10.38 -2.11
CA THR A 17 -0.22 -9.58 -2.03
C THR A 17 -0.95 -9.79 -0.70
N LYS A 18 -0.84 -8.82 0.20
CA LYS A 18 -1.48 -8.92 1.51
C LYS A 18 -2.03 -7.57 1.96
N THR A 19 -2.33 -7.47 3.26
CA THR A 19 -2.86 -6.25 3.85
C THR A 19 -1.76 -5.25 4.04
N TRP A 20 -1.93 -4.11 3.40
CA TRP A 20 -0.90 -3.10 3.46
C TRP A 20 -1.47 -1.70 3.29
N THR A 21 -0.91 -0.76 4.02
CA THR A 21 -1.34 0.63 3.96
C THR A 21 -0.12 1.54 3.82
N GLY A 22 0.88 1.27 4.64
CA GLY A 22 2.12 2.03 4.62
C GLY A 22 3.22 1.29 5.36
N GLN A 23 3.48 0.05 4.94
CA GLN A 23 4.50 -0.78 5.58
C GLN A 23 5.90 -0.45 5.06
N GLY A 24 6.28 0.82 5.17
CA GLY A 24 7.59 1.23 4.72
C GLY A 24 7.78 1.04 3.23
N ARG A 25 8.03 -0.21 2.83
CA ARG A 25 8.24 -0.53 1.42
C ARG A 25 7.15 0.09 0.56
N THR A 26 7.55 0.72 -0.54
CA THR A 26 6.60 1.32 -1.44
C THR A 26 6.62 0.62 -2.79
N PRO A 27 5.91 -0.51 -2.91
CA PRO A 27 5.86 -1.27 -4.15
C PRO A 27 5.75 -0.35 -5.36
N LYS A 28 6.36 -0.74 -6.47
CA LYS A 28 6.37 0.07 -7.69
C LYS A 28 4.99 0.68 -8.00
N PRO A 29 3.95 -0.15 -8.14
CA PRO A 29 2.59 0.35 -8.44
C PRO A 29 2.07 1.28 -7.36
N ILE A 30 2.07 0.79 -6.12
CA ILE A 30 1.60 1.58 -5.00
C ILE A 30 2.45 2.83 -4.82
N ALA A 31 3.73 2.73 -5.17
CA ALA A 31 4.65 3.86 -5.05
C ALA A 31 4.10 5.07 -5.78
N GLN A 32 3.58 4.85 -6.99
CA GLN A 32 2.99 5.92 -7.78
C GLN A 32 1.78 6.49 -7.04
N ALA A 33 1.01 5.60 -6.41
CA ALA A 33 -0.18 6.02 -5.67
C ALA A 33 0.20 6.79 -4.41
N LEU A 34 1.14 6.24 -3.65
CA LEU A 34 1.60 6.88 -2.42
C LEU A 34 2.39 8.14 -2.74
N ALA A 35 3.15 8.09 -3.82
CA ALA A 35 3.97 9.22 -4.24
C ALA A 35 3.09 10.43 -4.52
N GLU A 36 1.86 10.18 -4.95
CA GLU A 36 0.91 11.25 -5.24
C GLU A 36 0.38 11.87 -3.95
N GLY A 37 0.54 11.16 -2.83
CA GLY A 37 0.07 11.66 -1.56
C GLY A 37 -1.12 10.90 -1.02
N LYS A 38 -1.72 10.06 -1.86
CA LYS A 38 -2.88 9.27 -1.45
C LYS A 38 -2.46 7.92 -0.90
N SER A 39 -3.30 7.36 -0.03
CA SER A 39 -3.03 6.05 0.56
C SER A 39 -3.63 4.94 -0.29
N LEU A 40 -3.36 3.69 0.09
CA LEU A 40 -3.89 2.55 -0.65
C LEU A 40 -5.42 2.46 -0.57
N ASP A 41 -6.03 3.35 0.22
CA ASP A 41 -7.49 3.34 0.37
C ASP A 41 -8.18 3.38 -0.99
N ASP A 42 -7.47 3.89 -2.00
CA ASP A 42 -8.02 3.97 -3.34
C ASP A 42 -8.14 2.59 -3.98
N PHE A 43 -7.16 1.73 -3.69
CA PHE A 43 -7.15 0.37 -4.23
C PHE A 43 -7.39 -0.66 -3.13
N LEU A 44 -7.98 -0.23 -2.02
CA LEU A 44 -8.24 -1.13 -0.90
C LEU A 44 -9.19 -2.26 -1.31
N ILE A 45 -8.64 -3.47 -1.42
CA ILE A 45 -9.43 -4.64 -1.81
C ILE A 45 -10.37 -4.34 -2.96
N ARG A 1 6.08 5.57 11.04
CA ARG A 1 5.67 5.11 9.68
C ARG A 1 4.94 3.78 9.75
N GLN A 2 3.88 3.73 10.55
CA GLN A 2 3.07 2.53 10.70
C GLN A 2 1.86 2.78 11.59
N PRO A 3 0.74 3.19 11.00
CA PRO A 3 -0.50 3.45 11.72
C PRO A 3 -1.33 2.18 11.78
N ARG A 4 -2.29 2.09 12.71
CA ARG A 4 -3.12 0.90 12.78
C ARG A 4 -3.62 0.57 11.38
N PRO A 5 -3.00 -0.42 10.73
CA PRO A 5 -3.35 -0.82 9.38
C PRO A 5 -4.46 -1.87 9.33
N ALA A 6 -5.54 -1.56 8.63
CA ALA A 6 -6.67 -2.49 8.49
C ALA A 6 -6.39 -3.53 7.43
N LYS A 7 -7.46 -4.14 6.89
CA LYS A 7 -7.30 -5.15 5.86
C LYS A 7 -7.57 -4.56 4.48
N TYR A 8 -6.64 -4.80 3.57
CA TYR A 8 -6.74 -4.32 2.20
C TYR A 8 -5.99 -5.25 1.27
N LYS A 9 -6.14 -5.05 -0.03
CA LYS A 9 -5.48 -5.89 -1.00
C LYS A 9 -4.51 -5.06 -1.86
N PHE A 10 -3.27 -5.50 -1.87
CA PHE A 10 -2.20 -4.82 -2.61
C PHE A 10 -1.03 -5.77 -2.80
N THR A 11 -0.01 -5.32 -3.54
CA THR A 11 1.18 -6.14 -3.77
C THR A 11 2.42 -5.46 -3.21
N ASP A 12 3.01 -6.05 -2.17
CA ASP A 12 4.23 -5.51 -1.55
C ASP A 12 5.29 -5.24 -2.61
N VAL A 13 6.41 -4.66 -2.18
CA VAL A 13 7.50 -4.36 -3.10
C VAL A 13 8.19 -5.62 -3.58
N ASN A 14 8.03 -6.70 -2.82
CA ASN A 14 8.66 -7.97 -3.15
C ASN A 14 7.65 -8.94 -3.78
N GLY A 15 6.41 -8.51 -3.93
CA GLY A 15 5.40 -9.37 -4.53
C GLY A 15 4.39 -9.89 -3.52
N GLU A 16 4.67 -9.71 -2.24
CA GLU A 16 3.77 -10.17 -1.18
C GLU A 16 2.46 -9.38 -1.22
N THR A 17 1.39 -10.03 -1.66
CA THR A 17 0.09 -9.37 -1.75
C THR A 17 -0.72 -9.57 -0.48
N LYS A 18 -0.75 -8.55 0.37
CA LYS A 18 -1.51 -8.62 1.62
C LYS A 18 -2.19 -7.29 1.95
N THR A 19 -2.50 -7.09 3.22
CA THR A 19 -3.15 -5.86 3.67
C THR A 19 -2.15 -4.75 3.79
N TRP A 20 -2.44 -3.67 3.10
CA TRP A 20 -1.52 -2.57 3.07
C TRP A 20 -2.22 -1.23 2.86
N THR A 21 -1.83 -0.26 3.68
CA THR A 21 -2.37 1.10 3.59
C THR A 21 -1.23 2.11 3.59
N GLY A 22 -0.30 1.87 4.51
CA GLY A 22 0.88 2.71 4.65
C GLY A 22 1.92 2.02 5.50
N GLN A 23 2.82 1.28 4.86
CA GLN A 23 3.86 0.56 5.58
C GLN A 23 5.20 1.18 5.29
N GLY A 24 6.23 0.36 5.23
CA GLY A 24 7.55 0.86 4.95
C GLY A 24 7.92 0.69 3.49
N ARG A 25 7.90 -0.55 3.02
CA ARG A 25 8.23 -0.83 1.64
C ARG A 25 7.15 -0.27 0.72
N THR A 26 7.54 0.60 -0.19
CA THR A 26 6.60 1.20 -1.11
C THR A 26 6.74 0.57 -2.50
N PRO A 27 6.07 -0.57 -2.73
CA PRO A 27 6.12 -1.27 -4.01
C PRO A 27 6.06 -0.30 -5.19
N LYS A 28 6.85 -0.58 -6.22
CA LYS A 28 6.92 0.28 -7.40
C LYS A 28 5.54 0.75 -7.87
N PRO A 29 4.58 -0.16 -8.03
CA PRO A 29 3.22 0.19 -8.47
C PRO A 29 2.53 1.14 -7.49
N ILE A 30 2.47 0.72 -6.23
CA ILE A 30 1.85 1.52 -5.19
C ILE A 30 2.60 2.83 -4.97
N ALA A 31 3.91 2.79 -5.18
CA ALA A 31 4.74 3.98 -5.00
C ALA A 31 4.23 5.13 -5.86
N GLN A 32 3.85 4.81 -7.10
CA GLN A 32 3.32 5.81 -8.02
C GLN A 32 2.00 6.37 -7.51
N ALA A 33 1.12 5.48 -7.07
CA ALA A 33 -0.18 5.88 -6.55
C ALA A 33 -0.04 6.64 -5.23
N LEU A 34 0.83 6.15 -4.36
CA LEU A 34 1.06 6.78 -3.07
C LEU A 34 1.84 8.08 -3.23
N ALA A 35 2.84 8.07 -4.10
CA ALA A 35 3.67 9.24 -4.34
C ALA A 35 2.83 10.40 -4.87
N GLU A 36 1.70 10.07 -5.48
CA GLU A 36 0.81 11.09 -6.03
C GLU A 36 0.04 11.81 -4.93
N GLY A 37 0.03 11.22 -3.73
CA GLY A 37 -0.67 11.83 -2.61
C GLY A 37 -1.92 11.07 -2.21
N LYS A 38 -2.28 10.05 -2.99
CA LYS A 38 -3.47 9.26 -2.70
C LYS A 38 -3.12 8.05 -1.84
N SER A 39 -4.07 7.63 -1.01
CA SER A 39 -3.86 6.49 -0.12
C SER A 39 -4.30 5.20 -0.81
N LEU A 40 -4.11 4.08 -0.12
CA LEU A 40 -4.49 2.78 -0.64
C LEU A 40 -6.00 2.65 -0.83
N ASP A 41 -6.74 3.57 -0.24
CA ASP A 41 -8.19 3.56 -0.33
C ASP A 41 -8.65 3.46 -1.78
N ASP A 42 -7.79 3.90 -2.70
CA ASP A 42 -8.11 3.85 -4.12
C ASP A 42 -8.07 2.41 -4.62
N PHE A 43 -7.14 1.62 -4.09
CA PHE A 43 -7.00 0.23 -4.48
C PHE A 43 -7.40 -0.71 -3.35
N LEU A 44 -8.23 -0.21 -2.43
CA LEU A 44 -8.68 -1.01 -1.30
C LEU A 44 -9.54 -2.18 -1.77
N ILE A 45 -9.16 -3.38 -1.34
CA ILE A 45 -9.89 -4.60 -1.70
C ILE A 45 -10.20 -4.63 -3.19
N ARG A 1 6.83 3.97 11.61
CA ARG A 1 5.83 5.05 11.82
C ARG A 1 4.71 4.97 10.78
N GLN A 2 3.58 4.39 11.20
CA GLN A 2 2.44 4.24 10.30
C GLN A 2 1.15 4.65 11.01
N PRO A 3 0.07 4.87 10.24
CA PRO A 3 -1.23 5.23 10.77
C PRO A 3 -2.05 3.99 11.05
N ARG A 4 -3.08 4.09 11.88
CA ARG A 4 -3.91 2.91 12.16
C ARG A 4 -4.26 2.24 10.83
N PRO A 5 -3.56 1.14 10.49
CA PRO A 5 -3.77 0.43 9.24
C PRO A 5 -4.85 -0.64 9.34
N ALA A 6 -5.72 -0.70 8.34
CA ALA A 6 -6.80 -1.68 8.31
C ALA A 6 -6.48 -2.80 7.33
N LYS A 7 -7.51 -3.52 6.88
CA LYS A 7 -7.31 -4.61 5.94
C LYS A 7 -7.61 -4.16 4.52
N TYR A 8 -6.68 -4.44 3.63
CA TYR A 8 -6.79 -4.09 2.23
C TYR A 8 -6.00 -5.08 1.38
N LYS A 9 -6.16 -5.02 0.08
CA LYS A 9 -5.44 -5.93 -0.80
C LYS A 9 -4.51 -5.17 -1.73
N PHE A 10 -3.24 -5.55 -1.69
CA PHE A 10 -2.20 -4.91 -2.50
C PHE A 10 -1.03 -5.87 -2.66
N THR A 11 -0.05 -5.49 -3.47
CA THR A 11 1.13 -6.33 -3.68
C THR A 11 2.40 -5.62 -3.19
N ASP A 12 3.06 -6.20 -2.18
CA ASP A 12 4.29 -5.63 -1.63
C ASP A 12 5.27 -5.30 -2.76
N VAL A 13 6.42 -4.75 -2.42
CA VAL A 13 7.43 -4.40 -3.41
C VAL A 13 8.14 -5.65 -3.94
N ASN A 14 7.93 -6.76 -3.26
CA ASN A 14 8.56 -8.01 -3.65
C ASN A 14 7.59 -8.90 -4.44
N GLY A 15 6.33 -8.47 -4.52
CA GLY A 15 5.34 -9.24 -5.25
C GLY A 15 4.36 -9.97 -4.35
N GLU A 16 4.36 -9.65 -3.06
CA GLU A 16 3.46 -10.28 -2.11
C GLU A 16 2.02 -9.86 -2.39
N THR A 17 1.13 -10.12 -1.45
CA THR A 17 -0.28 -9.78 -1.60
C THR A 17 -1.00 -9.73 -0.26
N LYS A 18 -0.89 -8.61 0.45
CA LYS A 18 -1.54 -8.47 1.75
C LYS A 18 -2.13 -7.08 1.96
N THR A 19 -2.37 -6.73 3.22
CA THR A 19 -2.92 -5.43 3.58
C THR A 19 -1.81 -4.45 3.80
N TRP A 20 -1.88 -3.34 3.10
CA TRP A 20 -0.83 -2.38 3.17
C TRP A 20 -1.31 -0.95 2.91
N THR A 21 -1.07 -0.08 3.87
CA THR A 21 -1.44 1.33 3.74
C THR A 21 -0.17 2.17 3.76
N GLY A 22 0.70 1.83 4.70
CA GLY A 22 1.97 2.51 4.85
C GLY A 22 2.91 1.70 5.74
N GLN A 23 3.38 0.56 5.24
CA GLN A 23 4.27 -0.31 6.02
C GLN A 23 5.69 0.22 6.04
N GLY A 24 6.47 -0.15 5.03
CA GLY A 24 7.85 0.29 4.95
C GLY A 24 8.33 0.31 3.52
N ARG A 25 8.03 -0.76 2.80
CA ARG A 25 8.41 -0.88 1.41
C ARG A 25 7.39 -0.17 0.53
N THR A 26 7.87 0.56 -0.47
CA THR A 26 6.98 1.27 -1.36
C THR A 26 7.00 0.65 -2.76
N PRO A 27 6.25 -0.45 -2.95
CA PRO A 27 6.16 -1.14 -4.23
C PRO A 27 6.05 -0.17 -5.40
N LYS A 28 6.73 -0.49 -6.50
CA LYS A 28 6.75 0.37 -7.69
C LYS A 28 5.36 0.87 -8.06
N PRO A 29 4.37 -0.02 -8.27
CA PRO A 29 3.01 0.38 -8.64
C PRO A 29 2.35 1.27 -7.59
N ILE A 30 2.20 0.72 -6.39
CA ILE A 30 1.58 1.47 -5.29
C ILE A 30 2.36 2.74 -4.98
N ALA A 31 3.68 2.69 -5.20
CA ALA A 31 4.52 3.84 -4.93
C ALA A 31 4.02 5.07 -5.68
N GLN A 32 3.68 4.89 -6.95
CA GLN A 32 3.17 5.99 -7.76
C GLN A 32 1.86 6.52 -7.18
N ALA A 33 0.96 5.59 -6.84
CA ALA A 33 -0.32 5.96 -6.26
C ALA A 33 -0.13 6.62 -4.90
N LEU A 34 0.83 6.11 -4.13
CA LEU A 34 1.13 6.65 -2.81
C LEU A 34 1.81 8.01 -2.94
N ALA A 35 2.62 8.16 -3.99
CA ALA A 35 3.32 9.40 -4.23
C ALA A 35 2.34 10.55 -4.42
N GLU A 36 1.15 10.23 -4.93
CA GLU A 36 0.12 11.23 -5.15
C GLU A 36 -0.51 11.66 -3.83
N GLY A 37 -0.31 10.87 -2.78
CA GLY A 37 -0.86 11.19 -1.47
C GLY A 37 -1.99 10.26 -1.05
N LYS A 38 -2.37 9.34 -1.94
CA LYS A 38 -3.44 8.40 -1.63
C LYS A 38 -2.89 7.12 -1.01
N SER A 39 -3.77 6.36 -0.36
CA SER A 39 -3.39 5.10 0.29
C SER A 39 -3.97 3.91 -0.48
N LEU A 40 -4.03 2.76 0.17
CA LEU A 40 -4.56 1.56 -0.47
C LEU A 40 -6.05 1.70 -0.78
N ASP A 41 -6.67 2.76 -0.26
CA ASP A 41 -8.09 3.00 -0.49
C ASP A 41 -8.41 3.00 -1.98
N ASP A 42 -7.42 3.28 -2.81
CA ASP A 42 -7.60 3.31 -4.25
C ASP A 42 -7.69 1.89 -4.82
N PHE A 43 -6.85 1.00 -4.30
CA PHE A 43 -6.84 -0.39 -4.76
C PHE A 43 -7.34 -1.33 -3.66
N LEU A 44 -8.23 -0.82 -2.81
CA LEU A 44 -8.78 -1.61 -1.72
C LEU A 44 -9.56 -2.81 -2.24
N ILE A 45 -8.97 -4.00 -2.10
CA ILE A 45 -9.60 -5.23 -2.58
C ILE A 45 -10.14 -5.07 -3.99
#